data_7X91
#
_entry.id   7X91
#
_cell.length_a   1.00
_cell.length_b   1.00
_cell.length_c   1.00
_cell.angle_alpha   90.00
_cell.angle_beta   90.00
_cell.angle_gamma   90.00
#
_symmetry.space_group_name_H-M   'P 1'
#
loop_
_entity.id
_entity.type
_entity.pdbx_description
1 polymer 'Spike glycoprotein'
2 polymer 'An Fv-clasp version of the Ab496 heavy chain'
3 polymer 'An Fv-clasp version of the Ab496 light chain'
4 branched 2-acetamido-2-deoxy-beta-D-glucopyranose-(1-4)-2-acetamido-2-deoxy-beta-D-glucopyranose
#
loop_
_entity_poly.entity_id
_entity_poly.type
_entity_poly.pdbx_seq_one_letter_code
_entity_poly.pdbx_strand_id
1 'polypeptide(L)'
;MFVFLVLLPLVSSQCVNLTTRTQLPPAYTNSFTRGVYYPDKVFRSSVLHSTQDLFLPFFSNVTWFHAIHVSGTNGTKRFD
NPVLPFNDGVYFASTEKSNIIRGWIFGTTLDSKTQSLLIVNNATNVVIKVCEFQFCNDPFLGVYYHKNNKSWMESEFRVY
SSANNCTFEYVSQPFLMDLEGKQGNFKNLREFVFKNIDGYFKIYSKHTPINLVRDLPQGFSALEPLVDLPIGINITRFQT
LLALHRSYLTPGDSSSGWTAGAAAYYVGYLQPRTFLLKYNENGTITDAVDCALDPLSETKCTLKSFTVEKGIYQTSNFRV
QPTESIVRFPNITNLCPFGEVFNATRFASVYAWNRKRISNCVADYSVLYNSASFSTFKCYGVSPTKLNDLCFTNVYADSF
VIRGDEVRQIAPGQTGKIADYNYKLPDDFTGCVIAWNSNNLDSKVGGNYNYLYRLFRKSNLKPFERDISTEIYQAGSTPC
NGVEGFNCYFPLQSYGFQPTNGVGYQPYRVVVLSFELLHAPATVCGPKKSTNLVKNKCVNFNFNGLTGTGVLTESNKKFL
PFQQFGRDIADTTDAVRDPQTLEILDITPCSFGGVSVITPGTNTSNQVAVLYQDVNCTEVPVAIHADQLTPTWRVYSTGS
NVFQTRAGCLIGAEHVNNSYECDIPIGAGICASYQTQTNSPGSASSVASQSIIAYTMSLGAENSVAYSNNSIAIPTNFTI
SVTTEILPVSMTKTSVDCTMYICGDSTECSNLLLQYGSFCTQLNRALTGIAVEQDKNTQEVFAQVKQIYKTPPIKDFGGF
NFSQILPDPSKPSKRSPIEDLLFNKVTLADAGFIKQYGDCLGDIAARDLICAQKFNGLTVLPPLLTDEMIAQYTSALLAG
TITSGWTFGAGPALQIPFPMQMAYRFNGIGVTQNVLYENQKLIANQFNSAIGKIQDSLSSTPSALGKLQDVVNQNAQALN
TLVKQLSSNFGAISSVLNDILSRLDPPEAEVQIDRLITGRLQSLQTYVTQQLIRAAEIRASANLAATKMSECVLGQSKRV
DFCGKGYHLMSFPQSAPHGVVFLHVTYVPAQEKNFTTAPAICHDGKAHFPREGVFVSNGTHWFVTQRNFYEPQIITTDNT
FVSGNCDVVIGIVNNTVYDPLQPELDSFKEELDKYFKNHTSPDVDLGDISGINASVVNIQKEIDRLNEVAKNLNESLIDL
QELGKYEQAAAGSGYIPEAPRDGQAYVRKDGEWVLLSTFLGSSGRENLYFQGGGGSGLNDIFEAQKIEWHEGHHHHHH
;
A
2 'polypeptide(L)'
;MKDHLIHNHHKHEHAHAEHLYFQGSSGSSGEVQLVQSGPEVKKPGTSVKVSCKASGFIFTNSAVQWVRQARGQRLEWIGW
IVVGSGNPNYAQKFQERVTITRDRSTSTAYMELSSLTSEDTAVYYCAAFPYYYDNSGSGPWGQGTLVTVCSGSDYEFLKS
WTVEDLQKRLLALDPMMEQEIEEIRQKYQSKRQPILDAIEAK
;
H
3 'polypeptide(L)'
;MKDHLIHNHHKHEHAHAEHLYFQGSSGSSGDIQLTQSPSSLSASVGDRVTITCQASQDIRNNLNWYQQIPGKAPKLLIYD
ASNLETGVPSRFSGSASGTDFTFTISSLQPEDVATYYCQQYANLPPFTFGPGTKVDIKRGSDYEFLKSWTVEDLQKRLLA
LDPMMEQEIEEIRQKYQCKRQPILDAIEAK
;
L
#
loop_
_chem_comp.id
_chem_comp.type
_chem_comp.name
_chem_comp.formula
NAG D-saccharide, beta linking 2-acetamido-2-deoxy-beta-D-glucopyranose 'C8 H15 N O6'
#
# COMPACT_ATOMS: atom_id res chain seq x y z
N PRO A 330 47.79 -19.52 24.85
CA PRO A 330 46.56 -18.87 24.41
C PRO A 330 45.31 -19.73 24.60
N ASN A 331 45.38 -20.99 24.14
CA ASN A 331 44.23 -21.87 24.19
C ASN A 331 43.05 -21.20 23.51
N ILE A 332 41.83 -21.40 24.01
CA ILE A 332 40.64 -20.74 23.48
C ILE A 332 39.83 -20.23 24.65
N THR A 333 39.01 -19.22 24.37
CA THR A 333 38.19 -18.56 25.39
C THR A 333 36.82 -18.29 24.78
N ASN A 334 36.05 -17.44 25.44
CA ASN A 334 34.69 -17.12 24.99
C ASN A 334 34.67 -16.81 23.50
N LEU A 335 33.96 -17.65 22.75
CA LEU A 335 33.77 -17.43 21.32
C LEU A 335 32.52 -16.59 21.10
N CYS A 336 32.58 -15.68 20.14
CA CYS A 336 31.48 -14.76 19.92
C CYS A 336 30.21 -15.54 19.60
N PRO A 337 29.04 -15.12 20.13
CA PRO A 337 27.78 -15.83 19.87
C PRO A 337 27.18 -15.50 18.51
N PHE A 338 27.99 -15.66 17.45
CA PHE A 338 27.52 -15.35 16.11
C PHE A 338 26.28 -16.16 15.74
N GLY A 339 26.21 -17.41 16.20
CA GLY A 339 25.03 -18.21 15.93
C GLY A 339 23.76 -17.53 16.40
N GLU A 340 23.79 -16.97 17.60
CA GLU A 340 22.63 -16.31 18.18
C GLU A 340 22.21 -15.07 17.41
N VAL A 341 22.96 -14.67 16.39
CA VAL A 341 22.52 -13.62 15.48
C VAL A 341 22.25 -14.14 14.08
N PHE A 342 22.73 -15.32 13.72
CA PHE A 342 22.39 -15.95 12.45
C PHE A 342 21.37 -17.06 12.59
N ASN A 343 21.45 -17.86 13.65
CA ASN A 343 20.61 -19.03 13.84
C ASN A 343 19.44 -18.75 14.78
N ALA A 344 18.99 -17.50 14.85
CA ALA A 344 17.84 -17.16 15.68
C ALA A 344 16.56 -17.64 15.02
N THR A 345 15.43 -17.34 15.65
CA THR A 345 14.13 -17.77 15.15
C THR A 345 13.29 -16.65 14.56
N ARG A 346 13.32 -15.45 15.15
CA ARG A 346 12.53 -14.32 14.68
C ARG A 346 13.47 -13.17 14.34
N PHE A 347 13.32 -12.63 13.13
CA PHE A 347 14.11 -11.49 12.68
C PHE A 347 13.24 -10.25 12.61
N ALA A 348 13.75 -9.14 13.12
CA ALA A 348 13.01 -7.89 13.10
C ALA A 348 12.87 -7.36 11.68
N SER A 349 11.75 -6.70 11.42
CA SER A 349 11.54 -6.09 10.12
C SER A 349 12.56 -4.98 9.87
N VAL A 350 12.65 -4.56 8.61
CA VAL A 350 13.72 -3.65 8.21
C VAL A 350 13.58 -2.30 8.94
N TYR A 351 12.36 -1.78 9.04
CA TYR A 351 12.21 -0.42 9.55
C TYR A 351 12.71 -0.28 10.98
N ALA A 352 12.80 -1.38 11.73
CA ALA A 352 13.30 -1.34 13.10
C ALA A 352 14.17 -2.58 13.29
N TRP A 353 15.47 -2.41 13.06
CA TRP A 353 16.43 -3.50 13.10
C TRP A 353 17.11 -3.56 14.46
N ASN A 354 17.53 -4.76 14.84
CA ASN A 354 18.23 -4.96 16.09
C ASN A 354 19.67 -4.45 15.98
N ARG A 355 20.32 -4.33 17.14
CA ARG A 355 21.72 -3.91 17.21
C ARG A 355 22.35 -4.63 18.40
N LYS A 356 22.97 -5.77 18.11
CA LYS A 356 23.68 -6.52 19.13
C LYS A 356 25.07 -5.94 19.33
N ARG A 357 25.42 -5.62 20.57
CA ARG A 357 26.72 -5.04 20.89
C ARG A 357 27.71 -6.14 21.24
N ILE A 358 28.04 -6.94 20.23
CA ILE A 358 29.01 -8.01 20.42
C ILE A 358 30.35 -7.40 20.82
N SER A 359 30.92 -7.89 21.91
CA SER A 359 32.15 -7.33 22.44
C SER A 359 32.85 -8.35 23.30
N ASN A 360 34.14 -8.12 23.51
CA ASN A 360 35.00 -8.96 24.36
C ASN A 360 34.76 -10.44 24.10
N CYS A 361 34.90 -10.82 22.82
CA CYS A 361 34.84 -12.21 22.43
C CYS A 361 35.68 -12.39 21.18
N VAL A 362 36.10 -13.64 20.94
CA VAL A 362 36.89 -14.00 19.77
C VAL A 362 35.94 -14.50 18.70
N ALA A 363 35.98 -13.89 17.52
CA ALA A 363 35.15 -14.27 16.40
C ALA A 363 36.01 -14.92 15.33
N ASP A 364 35.63 -16.12 14.91
CA ASP A 364 36.33 -16.87 13.87
C ASP A 364 35.52 -16.70 12.59
N TYR A 365 35.92 -15.72 11.77
CA TYR A 365 35.18 -15.44 10.54
C TYR A 365 35.46 -16.47 9.45
N SER A 366 36.49 -17.30 9.61
CA SER A 366 36.78 -18.31 8.60
C SER A 366 35.61 -19.26 8.42
N VAL A 367 35.04 -19.75 9.52
CA VAL A 367 33.90 -20.66 9.41
C VAL A 367 32.73 -19.96 8.74
N LEU A 368 32.53 -18.68 9.03
CA LEU A 368 31.49 -17.92 8.35
C LEU A 368 31.71 -17.90 6.85
N TYR A 369 32.92 -17.51 6.43
CA TYR A 369 33.20 -17.40 5.00
C TYR A 369 33.25 -18.78 4.35
N ASN A 370 33.93 -19.73 4.98
CA ASN A 370 34.09 -21.06 4.40
C ASN A 370 32.80 -21.84 4.50
N SER A 371 31.82 -21.49 3.67
CA SER A 371 30.53 -22.16 3.67
C SER A 371 29.76 -21.71 2.43
N ALA A 372 29.02 -22.64 1.83
CA ALA A 372 28.26 -22.35 0.63
C ALA A 372 26.83 -21.90 0.92
N SER A 373 26.41 -21.89 2.19
CA SER A 373 25.06 -21.48 2.53
C SER A 373 24.85 -19.97 2.40
N PHE A 374 25.92 -19.20 2.20
CA PHE A 374 25.83 -17.75 2.09
C PHE A 374 25.82 -17.35 0.62
N SER A 375 24.71 -16.75 0.18
CA SER A 375 24.58 -16.38 -1.23
C SER A 375 25.52 -15.24 -1.58
N THR A 376 25.36 -14.08 -0.93
CA THR A 376 26.18 -12.92 -1.19
C THR A 376 27.09 -12.66 0.00
N PHE A 377 28.39 -12.50 -0.28
CA PHE A 377 29.41 -12.27 0.74
C PHE A 377 30.31 -11.14 0.24
N LYS A 378 29.96 -9.90 0.56
CA LYS A 378 30.72 -8.75 0.11
C LYS A 378 31.32 -8.04 1.31
N CYS A 379 32.43 -7.34 1.10
CA CYS A 379 33.08 -6.58 2.15
C CYS A 379 33.67 -5.31 1.57
N TYR A 380 33.85 -4.31 2.44
CA TYR A 380 34.41 -3.03 2.03
C TYR A 380 35.39 -2.56 3.09
N GLY A 381 36.53 -2.07 2.63
CA GLY A 381 37.56 -1.59 3.52
C GLY A 381 38.49 -2.69 3.98
N VAL A 382 38.06 -3.94 3.84
CA VAL A 382 38.87 -5.10 4.21
C VAL A 382 38.47 -6.27 3.31
N SER A 383 39.47 -7.02 2.87
CA SER A 383 39.20 -8.21 2.07
C SER A 383 38.63 -9.31 2.97
N PRO A 384 37.69 -10.11 2.47
CA PRO A 384 37.04 -11.11 3.34
C PRO A 384 37.98 -12.17 3.87
N THR A 385 39.15 -12.37 3.26
CA THR A 385 40.09 -13.41 3.67
C THR A 385 41.27 -12.85 4.46
N LYS A 386 41.17 -11.62 4.96
CA LYS A 386 42.23 -11.02 5.76
C LYS A 386 41.75 -10.46 7.10
N LEU A 387 40.44 -10.33 7.32
CA LEU A 387 39.94 -9.71 8.54
C LEU A 387 40.22 -10.54 9.78
N ASN A 388 40.65 -11.79 9.64
CA ASN A 388 40.87 -12.66 10.79
C ASN A 388 42.00 -12.17 11.70
N ASP A 389 42.66 -11.07 11.35
CA ASP A 389 43.66 -10.45 12.22
C ASP A 389 43.30 -9.00 12.43
N LEU A 390 44.20 -8.21 13.01
CA LEU A 390 43.97 -6.80 13.26
C LEU A 390 42.77 -6.62 14.20
N CYS A 391 42.95 -7.11 15.42
CA CYS A 391 41.92 -7.04 16.45
C CYS A 391 41.19 -5.70 16.42
N PHE A 392 39.87 -5.75 16.45
CA PHE A 392 39.03 -4.57 16.32
C PHE A 392 38.57 -4.11 17.70
N THR A 393 37.94 -2.93 17.72
CA THR A 393 37.44 -2.35 18.96
C THR A 393 35.98 -2.74 19.21
N ASN A 394 35.10 -2.41 18.27
CA ASN A 394 33.68 -2.75 18.40
C ASN A 394 33.16 -3.32 17.09
N VAL A 395 32.29 -4.31 17.19
CA VAL A 395 31.64 -4.93 16.04
C VAL A 395 30.13 -4.88 16.25
N TYR A 396 29.43 -4.26 15.31
CA TYR A 396 27.98 -4.12 15.36
C TYR A 396 27.36 -5.07 14.34
N ALA A 397 26.47 -5.94 14.81
CA ALA A 397 25.76 -6.87 13.95
C ALA A 397 24.31 -6.44 13.84
N ASP A 398 23.83 -6.28 12.61
CA ASP A 398 22.44 -5.89 12.36
C ASP A 398 21.84 -6.85 11.36
N SER A 399 20.52 -7.00 11.41
CA SER A 399 19.82 -7.98 10.61
C SER A 399 18.59 -7.38 9.96
N PHE A 400 18.32 -7.83 8.74
CA PHE A 400 17.08 -7.53 8.03
C PHE A 400 16.62 -8.77 7.29
N VAL A 401 15.37 -8.74 6.86
CA VAL A 401 14.84 -9.67 5.86
C VAL A 401 14.27 -8.80 4.74
N ILE A 402 14.86 -8.91 3.55
CA ILE A 402 14.50 -8.00 2.45
C ILE A 402 14.37 -8.79 1.16
N ARG A 403 13.70 -8.18 0.19
CA ARG A 403 13.53 -8.83 -1.11
C ARG A 403 14.88 -8.98 -1.79
N GLY A 404 15.08 -10.14 -2.41
CA GLY A 404 16.39 -10.46 -2.95
C GLY A 404 16.87 -9.47 -3.99
N ASP A 405 15.99 -9.09 -4.90
CA ASP A 405 16.42 -8.31 -6.07
C ASP A 405 16.88 -6.89 -5.73
N GLU A 406 16.99 -6.46 -4.46
CA GLU A 406 17.65 -5.19 -4.15
C GLU A 406 18.72 -5.37 -3.08
N VAL A 407 19.12 -6.61 -2.80
CA VAL A 407 20.18 -6.83 -1.81
C VAL A 407 21.41 -6.00 -2.17
N ARG A 408 21.73 -5.92 -3.45
CA ARG A 408 22.90 -5.18 -3.89
C ARG A 408 22.89 -3.74 -3.36
N GLN A 409 21.72 -3.13 -3.29
CA GLN A 409 21.63 -1.72 -2.92
C GLN A 409 21.79 -1.50 -1.41
N ILE A 410 22.11 -2.55 -0.65
CA ILE A 410 22.60 -2.35 0.71
C ILE A 410 24.03 -1.85 0.70
N ALA A 411 24.73 -1.98 -0.43
CA ALA A 411 26.12 -1.54 -0.52
C ALA A 411 26.20 -0.02 -0.46
N PRO A 412 27.38 0.52 -0.12
CA PRO A 412 27.49 1.98 0.04
C PRO A 412 27.13 2.73 -1.23
N GLY A 413 26.50 3.89 -1.06
CA GLY A 413 26.26 4.80 -2.16
C GLY A 413 25.03 4.48 -2.99
N GLN A 414 24.80 3.20 -3.25
CA GLN A 414 23.71 2.81 -4.14
C GLN A 414 22.39 3.37 -3.65
N THR A 415 21.61 3.92 -4.58
CA THR A 415 20.32 4.51 -4.28
C THR A 415 19.20 3.55 -4.68
N GLY A 416 17.99 3.88 -4.24
CA GLY A 416 16.84 3.05 -4.51
C GLY A 416 15.62 3.47 -3.72
N LYS A 417 14.92 2.51 -3.11
CA LYS A 417 13.74 2.79 -2.32
C LYS A 417 13.95 2.49 -0.84
N ILE A 418 14.30 1.25 -0.50
CA ILE A 418 14.50 0.91 0.90
C ILE A 418 15.80 1.51 1.42
N ALA A 419 16.84 1.56 0.60
CA ALA A 419 18.13 2.05 1.06
C ALA A 419 18.06 3.53 1.43
N ASP A 420 17.35 4.33 0.64
CA ASP A 420 17.34 5.77 0.82
C ASP A 420 16.33 6.24 1.87
N TYR A 421 15.56 5.32 2.45
CA TYR A 421 14.54 5.69 3.43
C TYR A 421 14.70 4.91 4.73
N ASN A 422 15.15 3.65 4.63
CA ASN A 422 15.16 2.76 5.77
C ASN A 422 16.55 2.35 6.24
N TYR A 423 17.54 2.28 5.35
CA TYR A 423 18.88 1.89 5.77
C TYR A 423 19.86 2.32 4.68
N LYS A 424 20.74 3.27 5.02
CA LYS A 424 21.73 3.78 4.08
C LYS A 424 23.09 3.78 4.76
N LEU A 425 24.04 3.07 4.16
CA LEU A 425 25.38 3.05 4.73
C LEU A 425 26.19 4.24 4.24
N PRO A 426 27.12 4.75 5.05
CA PRO A 426 27.94 5.87 4.61
C PRO A 426 28.88 5.46 3.49
N ASP A 427 29.24 6.44 2.66
CA ASP A 427 30.15 6.17 1.54
C ASP A 427 31.51 5.67 2.00
N ASP A 428 31.94 6.06 3.21
CA ASP A 428 33.16 5.53 3.81
C ASP A 428 32.90 4.32 4.68
N PHE A 429 31.84 3.55 4.38
CA PHE A 429 31.51 2.38 5.17
C PHE A 429 32.71 1.46 5.31
N THR A 430 32.72 0.69 6.39
CA THR A 430 33.79 -0.26 6.68
C THR A 430 33.16 -1.48 7.36
N GLY A 431 32.88 -2.50 6.56
CA GLY A 431 32.26 -3.70 7.11
C GLY A 431 31.91 -4.69 6.02
N CYS A 432 31.21 -5.73 6.43
CA CYS A 432 30.85 -6.83 5.53
C CYS A 432 29.35 -7.01 5.49
N VAL A 433 28.83 -7.25 4.29
CA VAL A 433 27.42 -7.54 4.06
C VAL A 433 27.31 -8.99 3.65
N ILE A 434 26.47 -9.74 4.36
CA ILE A 434 26.24 -11.15 4.08
C ILE A 434 24.75 -11.34 3.87
N ALA A 435 24.38 -12.20 2.93
CA ALA A 435 22.97 -12.44 2.67
C ALA A 435 22.77 -13.85 2.15
N TRP A 436 21.68 -14.48 2.59
CA TRP A 436 21.37 -15.82 2.15
C TRP A 436 19.86 -15.98 2.03
N ASN A 437 19.45 -16.84 1.10
CA ASN A 437 18.03 -17.12 0.89
C ASN A 437 17.49 -17.99 2.02
N SER A 438 16.27 -17.71 2.44
CA SER A 438 15.61 -18.46 3.50
C SER A 438 14.17 -18.77 3.12
N ASN A 439 13.96 -19.22 1.88
CA ASN A 439 12.60 -19.53 1.42
C ASN A 439 11.95 -20.61 2.27
N ASN A 440 12.73 -21.44 2.96
CA ASN A 440 12.18 -22.57 3.70
C ASN A 440 11.62 -22.17 5.06
N LEU A 441 11.98 -21.00 5.59
CA LEU A 441 11.56 -20.59 6.93
C LEU A 441 10.61 -19.40 6.91
N ASP A 442 11.01 -18.28 6.32
CA ASP A 442 10.23 -17.05 6.47
C ASP A 442 8.95 -17.07 5.65
N SER A 443 8.91 -17.80 4.54
CA SER A 443 7.71 -17.86 3.73
C SER A 443 6.69 -18.81 4.35
N LYS A 444 5.44 -18.68 3.91
CA LYS A 444 4.35 -19.50 4.42
C LYS A 444 3.46 -19.92 3.26
N VAL A 445 2.68 -20.98 3.49
CA VAL A 445 1.84 -21.52 2.43
C VAL A 445 0.90 -20.44 1.89
N GLY A 446 0.25 -19.70 2.78
CA GLY A 446 -0.58 -18.59 2.36
C GLY A 446 0.15 -17.28 2.17
N GLY A 447 1.41 -17.21 2.60
CA GLY A 447 2.19 -16.00 2.49
C GLY A 447 2.33 -15.28 3.81
N ASN A 448 3.56 -15.15 4.29
CA ASN A 448 3.83 -14.49 5.57
C ASN A 448 4.04 -13.01 5.32
N TYR A 449 2.98 -12.23 5.46
CA TYR A 449 3.01 -10.78 5.29
C TYR A 449 3.27 -10.07 6.61
N ASN A 450 4.28 -10.52 7.35
CA ASN A 450 4.56 -9.93 8.65
C ASN A 450 5.57 -8.80 8.57
N TYR A 451 6.60 -8.95 7.76
CA TYR A 451 7.65 -7.95 7.67
C TYR A 451 7.14 -6.72 6.91
N LEU A 452 7.62 -5.55 7.34
CA LEU A 452 7.13 -4.27 6.84
C LEU A 452 8.30 -3.39 6.49
N TYR A 453 8.06 -2.47 5.54
CA TYR A 453 9.07 -1.50 5.13
C TYR A 453 8.39 -0.17 4.85
N ARG A 454 9.15 0.91 5.04
CA ARG A 454 8.62 2.25 4.85
C ARG A 454 8.45 2.58 3.38
N LEU A 455 7.58 3.56 3.10
CA LEU A 455 7.30 3.98 1.74
C LEU A 455 7.44 5.48 1.51
N PHE A 456 7.42 6.30 2.55
CA PHE A 456 7.47 7.74 2.37
C PHE A 456 8.21 8.38 3.52
N ARG A 457 8.71 9.58 3.30
CA ARG A 457 9.41 10.34 4.33
C ARG A 457 9.59 11.77 3.82
N LYS A 458 9.70 12.69 4.78
CA LYS A 458 9.88 14.10 4.43
C LYS A 458 11.20 14.33 3.70
N SER A 459 12.26 13.65 4.15
CA SER A 459 13.58 13.82 3.56
C SER A 459 14.36 12.52 3.74
N ASN A 460 15.59 12.51 3.23
CA ASN A 460 16.42 11.32 3.30
C ASN A 460 16.82 11.04 4.75
N LEU A 461 17.58 9.96 4.93
CA LEU A 461 17.88 9.43 6.25
C LEU A 461 19.37 9.53 6.52
N LYS A 462 19.74 9.96 7.72
CA LYS A 462 21.13 9.98 8.11
C LYS A 462 21.65 8.57 8.34
N PRO A 463 22.96 8.36 8.27
CA PRO A 463 23.50 7.01 8.47
C PRO A 463 23.19 6.47 9.87
N PHE A 464 22.89 5.17 9.91
CA PHE A 464 22.84 4.40 11.16
C PHE A 464 21.93 5.06 12.20
N GLU A 465 20.65 5.13 11.86
CA GLU A 465 19.66 5.58 12.82
C GLU A 465 18.31 4.94 12.53
N ARG A 466 17.60 4.58 13.59
CA ARG A 466 16.29 3.95 13.46
C ARG A 466 15.25 4.99 13.01
N ASP A 467 14.12 4.48 12.50
CA ASP A 467 13.02 5.33 12.07
C ASP A 467 11.69 4.75 12.52
N ILE A 468 11.63 4.28 13.76
CA ILE A 468 10.39 3.74 14.30
C ILE A 468 9.43 4.92 14.52
N SER A 469 8.38 4.99 13.71
CA SER A 469 7.39 6.06 13.81
C SER A 469 6.17 5.66 13.02
N THR A 470 5.00 5.69 13.67
CA THR A 470 3.74 5.31 13.05
C THR A 470 2.88 6.55 12.77
N GLU A 471 3.54 7.68 12.51
CA GLU A 471 2.87 8.92 12.18
C GLU A 471 2.70 9.04 10.68
N ILE A 472 1.49 9.40 10.25
CA ILE A 472 1.20 9.49 8.83
C ILE A 472 2.10 10.53 8.18
N TYR A 473 2.69 10.17 7.04
CA TYR A 473 3.57 11.09 6.32
C TYR A 473 2.75 12.18 5.66
N GLN A 474 3.32 13.40 5.65
CA GLN A 474 2.61 14.58 5.14
C GLN A 474 2.95 14.76 3.67
N ALA A 475 2.02 14.37 2.79
CA ALA A 475 2.16 14.60 1.36
C ALA A 475 1.44 15.88 0.97
N GLY A 476 1.82 16.42 -0.18
CA GLY A 476 1.24 17.69 -0.62
C GLY A 476 1.46 18.76 0.43
N SER A 477 0.39 19.47 0.77
CA SER A 477 0.46 20.49 1.81
C SER A 477 -0.68 20.45 2.80
N THR A 478 -1.77 19.75 2.52
CA THR A 478 -2.88 19.69 3.46
C THR A 478 -2.45 18.94 4.72
N PRO A 479 -2.74 19.47 5.91
CA PRO A 479 -2.33 18.77 7.14
C PRO A 479 -3.01 17.42 7.28
N CYS A 480 -2.30 16.49 7.91
CA CYS A 480 -2.81 15.15 8.21
C CYS A 480 -3.10 15.09 9.70
N ASN A 481 -4.38 15.13 10.06
CA ASN A 481 -4.78 15.10 11.46
C ASN A 481 -4.84 13.70 12.03
N GLY A 482 -4.60 12.67 11.22
CA GLY A 482 -4.62 11.30 11.71
C GLY A 482 -5.43 10.38 10.82
N VAL A 483 -6.31 10.95 10.01
CA VAL A 483 -7.17 10.16 9.13
C VAL A 483 -6.40 9.88 7.83
N GLU A 484 -6.33 8.61 7.45
CA GLU A 484 -5.63 8.22 6.23
C GLU A 484 -6.30 8.88 5.03
N GLY A 485 -5.48 9.35 4.09
CA GLY A 485 -5.98 10.06 2.94
C GLY A 485 -5.04 9.95 1.76
N PHE A 486 -5.48 10.51 0.62
CA PHE A 486 -4.71 10.40 -0.61
C PHE A 486 -3.41 11.19 -0.56
N ASN A 487 -3.25 12.08 0.41
CA ASN A 487 -1.95 12.70 0.70
C ASN A 487 -1.54 12.44 2.14
N CYS A 488 -2.20 11.50 2.81
CA CYS A 488 -1.91 11.11 4.18
C CYS A 488 -1.69 9.60 4.15
N TYR A 489 -0.45 9.19 3.92
CA TYR A 489 -0.11 7.81 3.65
C TYR A 489 0.49 7.16 4.90
N PHE A 490 0.05 5.94 5.19
CA PHE A 490 0.68 5.17 6.26
C PHE A 490 2.09 4.82 5.84
N PRO A 491 3.12 5.17 6.62
CA PRO A 491 4.49 5.01 6.12
C PRO A 491 4.86 3.58 5.74
N LEU A 492 4.31 2.58 6.45
CA LEU A 492 4.74 1.22 6.26
C LEU A 492 3.82 0.46 5.30
N GLN A 493 4.37 -0.60 4.71
CA GLN A 493 3.57 -1.57 3.97
C GLN A 493 4.34 -2.89 3.94
N SER A 494 3.63 -3.95 3.59
CA SER A 494 4.12 -5.31 3.73
C SER A 494 4.74 -5.82 2.44
N TYR A 495 5.76 -6.67 2.56
CA TYR A 495 6.33 -7.34 1.40
C TYR A 495 5.29 -8.19 0.68
N GLY A 496 4.55 -9.01 1.43
CA GLY A 496 3.64 -9.96 0.83
C GLY A 496 4.39 -11.12 0.18
N PHE A 497 5.10 -11.90 0.99
CA PHE A 497 5.89 -13.02 0.49
C PHE A 497 5.01 -14.19 0.09
N GLN A 498 5.46 -14.93 -0.92
CA GLN A 498 4.80 -16.14 -1.37
C GLN A 498 5.91 -17.12 -1.78
N PRO A 499 5.88 -18.38 -1.30
CA PRO A 499 6.96 -19.30 -1.67
C PRO A 499 6.74 -19.96 -3.02
N THR A 500 6.31 -19.15 -4.00
CA THR A 500 6.28 -19.58 -5.38
C THR A 500 6.65 -18.46 -6.33
N ASN A 501 7.03 -17.28 -5.83
CA ASN A 501 7.28 -16.11 -6.64
C ASN A 501 8.61 -16.25 -7.37
N GLY A 502 9.00 -15.22 -8.11
CA GLY A 502 10.29 -15.22 -8.76
C GLY A 502 11.43 -15.14 -7.78
N VAL A 503 12.63 -15.50 -8.25
CA VAL A 503 13.80 -15.53 -7.38
C VAL A 503 14.02 -14.16 -6.75
N GLY A 504 13.85 -13.09 -7.53
CA GLY A 504 14.03 -11.76 -6.98
C GLY A 504 13.05 -11.43 -5.89
N TYR A 505 11.78 -11.80 -6.07
CA TYR A 505 10.75 -11.51 -5.08
C TYR A 505 10.94 -12.28 -3.79
N GLN A 506 11.77 -13.31 -3.78
CA GLN A 506 11.89 -14.17 -2.61
C GLN A 506 12.57 -13.42 -1.46
N PRO A 507 12.34 -13.85 -0.22
CA PRO A 507 13.03 -13.22 0.91
C PRO A 507 14.51 -13.55 0.91
N TYR A 508 15.27 -12.70 1.60
CA TYR A 508 16.68 -12.94 1.86
C TYR A 508 17.01 -12.38 3.22
N ARG A 509 17.64 -13.20 4.06
CA ARG A 509 18.12 -12.75 5.35
C ARG A 509 19.48 -12.10 5.17
N VAL A 510 19.61 -10.87 5.64
CA VAL A 510 20.80 -10.04 5.43
C VAL A 510 21.37 -9.67 6.78
N VAL A 511 22.67 -9.85 6.94
CA VAL A 511 23.39 -9.49 8.15
C VAL A 511 24.49 -8.51 7.77
N VAL A 512 24.51 -7.36 8.45
CA VAL A 512 25.52 -6.33 8.26
C VAL A 512 26.43 -6.35 9.47
N LEU A 513 27.72 -6.61 9.24
CA LEU A 513 28.73 -6.62 10.28
C LEU A 513 29.60 -5.38 10.07
N SER A 514 29.31 -4.33 10.83
CA SER A 514 30.09 -3.11 10.79
C SER A 514 31.16 -3.14 11.86
N PHE A 515 32.29 -2.52 11.56
CA PHE A 515 33.41 -2.48 12.48
C PHE A 515 33.76 -1.03 12.79
N GLU A 516 34.11 -0.79 14.06
CA GLU A 516 34.50 0.55 14.50
C GLU A 516 35.75 0.43 15.36
N LEU A 517 36.69 1.34 15.13
CA LEU A 517 37.95 1.40 15.86
C LEU A 517 37.93 2.67 16.71
N LEU A 518 37.36 2.56 17.90
CA LEU A 518 37.44 3.65 18.87
C LEU A 518 38.78 3.60 19.59
N HIS A 519 39.27 4.76 20.00
CA HIS A 519 40.57 4.82 20.67
C HIS A 519 40.44 4.20 22.05
N ALA A 520 40.72 2.90 22.13
CA ALA A 520 40.58 2.12 23.35
C ALA A 520 41.11 0.71 23.07
N PRO A 521 41.40 -0.06 24.12
CA PRO A 521 41.95 -1.41 23.90
C PRO A 521 41.02 -2.26 23.05
N ALA A 522 41.57 -2.78 21.95
CA ALA A 522 40.81 -3.68 21.10
C ALA A 522 40.39 -4.91 21.90
N THR A 523 39.19 -5.41 21.62
CA THR A 523 38.59 -6.46 22.44
C THR A 523 37.96 -7.59 21.65
N VAL A 524 38.07 -7.61 20.32
CA VAL A 524 37.55 -8.70 19.50
C VAL A 524 38.66 -9.06 18.50
N CYS A 525 39.45 -10.08 18.83
CA CYS A 525 40.56 -10.51 18.01
C CYS A 525 40.19 -11.78 17.24
N GLY A 526 41.17 -12.37 16.56
CA GLY A 526 40.94 -13.54 15.75
C GLY A 526 41.11 -14.84 16.50
N PRO A 527 40.86 -15.97 15.83
CA PRO A 527 40.89 -17.27 16.50
C PRO A 527 42.26 -17.64 17.04
N LYS A 528 43.27 -17.67 16.17
CA LYS A 528 44.60 -18.11 16.60
C LYS A 528 45.20 -17.17 17.63
N LYS A 529 44.86 -15.88 17.56
CA LYS A 529 45.36 -14.91 18.51
C LYS A 529 44.40 -14.76 19.67
N GLU B 31 -7.38 -8.01 -17.55
CA GLU B 31 -6.92 -8.90 -16.45
C GLU B 31 -7.29 -8.32 -15.08
N VAL B 32 -7.29 -6.99 -14.99
CA VAL B 32 -7.60 -6.30 -13.75
C VAL B 32 -9.11 -6.20 -13.64
N GLN B 33 -9.68 -6.84 -12.62
CA GLN B 33 -11.11 -6.78 -12.36
C GLN B 33 -11.37 -7.41 -10.99
N LEU B 34 -12.64 -7.49 -10.63
CA LEU B 34 -13.03 -8.03 -9.34
C LEU B 34 -14.49 -8.47 -9.39
N VAL B 35 -14.82 -9.39 -8.48
CA VAL B 35 -16.16 -9.95 -8.37
C VAL B 35 -16.54 -10.01 -6.89
N GLN B 36 -17.80 -10.33 -6.65
CA GLN B 36 -18.36 -10.34 -5.30
C GLN B 36 -19.24 -11.56 -5.12
N SER B 37 -19.57 -11.85 -3.85
CA SER B 37 -20.53 -12.88 -3.53
C SER B 37 -21.95 -12.36 -3.72
N GLY B 38 -22.94 -13.21 -3.43
CA GLY B 38 -24.32 -12.84 -3.63
C GLY B 38 -25.29 -13.20 -2.51
N PRO B 39 -24.87 -13.14 -1.24
CA PRO B 39 -25.84 -13.29 -0.15
C PRO B 39 -26.93 -12.22 -0.26
N GLU B 40 -28.15 -12.61 0.10
CA GLU B 40 -29.31 -11.73 -0.03
C GLU B 40 -29.84 -11.27 1.33
N VAL B 41 -30.20 -12.22 2.21
CA VAL B 41 -30.80 -11.91 3.49
C VAL B 41 -30.25 -12.88 4.52
N LYS B 42 -29.45 -12.36 5.45
CA LYS B 42 -28.98 -13.19 6.56
C LYS B 42 -30.04 -13.30 7.65
N LYS B 43 -30.39 -12.18 8.27
CA LYS B 43 -31.49 -12.12 9.21
C LYS B 43 -31.82 -10.66 9.51
N PRO B 44 -33.08 -10.24 9.43
CA PRO B 44 -33.42 -8.85 9.81
C PRO B 44 -33.01 -8.58 11.24
N GLY B 45 -32.43 -7.41 11.47
CA GLY B 45 -31.92 -7.06 12.78
C GLY B 45 -30.64 -7.74 13.17
N THR B 46 -29.88 -8.26 12.21
CA THR B 46 -28.63 -8.93 12.50
C THR B 46 -27.68 -8.71 11.33
N SER B 47 -26.38 -8.86 11.61
CA SER B 47 -25.36 -8.51 10.64
C SER B 47 -25.38 -9.46 9.45
N VAL B 48 -24.80 -9.00 8.34
CA VAL B 48 -24.66 -9.77 7.12
C VAL B 48 -23.19 -9.75 6.70
N LYS B 49 -22.82 -10.70 5.86
CA LYS B 49 -21.45 -10.88 5.42
C LYS B 49 -21.38 -10.75 3.90
N VAL B 50 -20.49 -9.89 3.41
CA VAL B 50 -20.30 -9.71 1.98
C VAL B 50 -18.82 -9.84 1.67
N SER B 51 -18.49 -10.67 0.68
CA SER B 51 -17.10 -10.94 0.32
C SER B 51 -16.82 -10.44 -1.10
N CYS B 52 -15.71 -9.74 -1.26
CA CYS B 52 -15.25 -9.28 -2.57
C CYS B 52 -13.85 -9.80 -2.82
N LYS B 53 -13.62 -10.29 -4.05
CA LYS B 53 -12.33 -10.78 -4.49
C LYS B 53 -11.92 -10.01 -5.74
N ALA B 54 -10.62 -9.88 -5.96
CA ALA B 54 -10.12 -9.14 -7.11
C ALA B 54 -8.87 -9.84 -7.64
N SER B 55 -8.55 -9.55 -8.90
CA SER B 55 -7.37 -10.14 -9.54
C SER B 55 -6.92 -9.26 -10.68
N GLY B 56 -5.66 -9.42 -11.06
CA GLY B 56 -5.05 -8.72 -12.18
C GLY B 56 -4.04 -7.67 -11.78
N PHE B 57 -4.11 -7.19 -10.54
CA PHE B 57 -3.21 -6.17 -10.05
C PHE B 57 -2.68 -6.56 -8.67
N ILE B 58 -1.48 -6.09 -8.35
CA ILE B 58 -0.93 -6.31 -7.02
C ILE B 58 -1.87 -5.74 -5.98
N PHE B 59 -2.22 -6.55 -4.98
CA PHE B 59 -3.24 -6.15 -4.02
C PHE B 59 -2.66 -5.42 -2.80
N THR B 60 -1.52 -5.86 -2.29
CA THR B 60 -0.99 -5.24 -1.07
C THR B 60 -0.21 -3.97 -1.42
N ASN B 61 -0.80 -3.14 -2.29
CA ASN B 61 -0.35 -1.78 -2.51
C ASN B 61 -1.50 -0.80 -2.67
N SER B 62 -2.73 -1.29 -2.82
CA SER B 62 -3.87 -0.52 -3.29
C SER B 62 -4.84 -0.25 -2.14
N ALA B 63 -5.99 0.34 -2.45
CA ALA B 63 -7.03 0.57 -1.45
C ALA B 63 -8.36 0.08 -1.99
N VAL B 64 -9.28 -0.25 -1.08
CA VAL B 64 -10.61 -0.71 -1.46
C VAL B 64 -11.63 0.11 -0.70
N GLN B 65 -12.85 0.16 -1.24
CA GLN B 65 -13.90 0.95 -0.61
C GLN B 65 -15.26 0.40 -1.03
N TRP B 66 -16.26 0.76 -0.25
CA TRP B 66 -17.62 0.24 -0.29
C TRP B 66 -18.60 1.40 -0.38
N VAL B 67 -19.60 1.27 -1.26
CA VAL B 67 -20.63 2.28 -1.44
C VAL B 67 -21.98 1.60 -1.48
N ARG B 68 -23.02 2.38 -1.20
CA ARG B 68 -24.39 1.91 -1.18
C ARG B 68 -25.16 2.53 -2.35
N GLN B 69 -25.95 1.70 -3.04
CA GLN B 69 -26.83 2.16 -4.11
C GLN B 69 -28.24 1.69 -3.80
N ALA B 70 -29.13 2.62 -3.53
CA ALA B 70 -30.52 2.32 -3.22
C ALA B 70 -31.39 2.55 -4.44
N ARG B 71 -32.51 1.82 -4.50
CA ARG B 71 -33.45 2.00 -5.60
C ARG B 71 -33.88 3.46 -5.66
N GLY B 72 -33.85 4.02 -6.87
CA GLY B 72 -34.02 5.44 -7.07
C GLY B 72 -32.78 6.16 -7.57
N GLN B 73 -31.72 5.43 -7.90
CA GLN B 73 -30.51 6.01 -8.48
C GLN B 73 -29.88 7.05 -7.55
N ARG B 74 -29.91 6.76 -6.25
CA ARG B 74 -29.22 7.57 -5.24
C ARG B 74 -28.03 6.77 -4.72
N LEU B 75 -26.83 7.39 -4.79
CA LEU B 75 -25.59 6.70 -4.50
C LEU B 75 -24.85 7.45 -3.41
N GLU B 76 -24.40 6.73 -2.38
CA GLU B 76 -23.70 7.31 -1.25
C GLU B 76 -22.53 6.42 -0.85
N TRP B 77 -21.53 7.03 -0.24
CA TRP B 77 -20.33 6.35 0.19
C TRP B 77 -20.47 5.87 1.63
N ILE B 78 -19.93 4.69 1.92
CA ILE B 78 -20.07 4.08 3.25
C ILE B 78 -18.72 3.73 3.87
N GLY B 79 -17.86 3.02 3.16
CA GLY B 79 -16.66 2.47 3.75
C GLY B 79 -15.44 2.61 2.87
N TRP B 80 -14.28 2.51 3.50
CA TRP B 80 -12.99 2.61 2.81
C TRP B 80 -11.87 2.08 3.69
N ILE B 81 -11.07 1.15 3.18
CA ILE B 81 -9.94 0.60 3.91
C ILE B 81 -8.75 0.48 2.97
N VAL B 82 -7.59 0.89 3.45
CA VAL B 82 -6.34 0.76 2.73
C VAL B 82 -5.74 -0.60 3.05
N VAL B 83 -5.10 -1.23 2.06
CA VAL B 83 -4.51 -2.54 2.27
C VAL B 83 -3.24 -2.47 3.10
N GLY B 84 -2.67 -1.28 3.28
CA GLY B 84 -1.39 -1.14 3.94
C GLY B 84 -1.39 -1.55 5.40
N SER B 85 -2.05 -0.77 6.25
CA SER B 85 -2.07 -1.02 7.70
C SER B 85 -3.46 -1.35 8.22
N GLY B 86 -4.43 -0.49 7.95
CA GLY B 86 -5.80 -0.77 8.34
C GLY B 86 -6.36 0.19 9.37
N ASN B 87 -7.18 1.13 8.91
CA ASN B 87 -7.92 2.05 9.77
C ASN B 87 -9.35 2.11 9.28
N PRO B 88 -10.28 1.38 9.89
CA PRO B 88 -11.65 1.36 9.38
C PRO B 88 -12.38 2.66 9.60
N ASN B 89 -12.04 3.68 8.81
CA ASN B 89 -12.65 4.99 8.93
C ASN B 89 -13.90 5.09 8.07
N TYR B 90 -14.97 5.62 8.65
CA TYR B 90 -16.26 5.72 7.99
C TYR B 90 -16.83 7.11 8.21
N ALA B 91 -17.94 7.39 7.53
CA ALA B 91 -18.63 8.65 7.72
C ALA B 91 -19.31 8.69 9.08
N GLN B 92 -19.58 9.90 9.56
CA GLN B 92 -20.18 10.06 10.89
C GLN B 92 -21.51 9.33 10.99
N LYS B 93 -22.27 9.29 9.90
CA LYS B 93 -23.62 8.73 9.96
C LYS B 93 -23.60 7.25 10.31
N PHE B 94 -22.69 6.49 9.70
CA PHE B 94 -22.74 5.04 9.74
C PHE B 94 -21.66 4.41 10.62
N GLN B 95 -21.04 5.20 11.50
CA GLN B 95 -20.03 4.65 12.38
C GLN B 95 -20.66 3.77 13.46
N GLU B 96 -19.82 2.98 14.13
CA GLU B 96 -20.22 1.98 15.11
C GLU B 96 -21.28 1.02 14.57
N ARG B 97 -21.42 0.91 13.24
CA ARG B 97 -22.46 0.10 12.64
C ARG B 97 -21.98 -0.66 11.42
N VAL B 98 -20.66 -0.70 11.17
CA VAL B 98 -20.13 -1.34 9.99
C VAL B 98 -18.67 -1.70 10.25
N THR B 99 -18.16 -2.70 9.54
CA THR B 99 -16.80 -3.16 9.75
C THR B 99 -16.31 -3.81 8.46
N ILE B 100 -15.09 -3.44 8.06
CA ILE B 100 -14.45 -4.00 6.87
C ILE B 100 -13.12 -4.58 7.29
N THR B 101 -12.86 -5.83 6.89
CA THR B 101 -11.69 -6.56 7.37
C THR B 101 -10.72 -6.82 6.23
N ARG B 102 -9.44 -6.55 6.49
CA ARG B 102 -8.41 -6.85 5.51
C ARG B 102 -8.31 -8.35 5.27
N ASP B 103 -8.08 -8.75 4.03
CA ASP B 103 -8.19 -10.15 3.64
C ASP B 103 -7.17 -10.46 2.54
N ARG B 104 -6.04 -11.04 2.94
CA ARG B 104 -4.98 -11.44 2.02
C ARG B 104 -5.04 -12.93 1.66
N SER B 105 -6.24 -13.50 1.54
CA SER B 105 -6.33 -14.90 1.15
C SER B 105 -5.59 -15.07 -0.17
N THR B 106 -6.13 -14.48 -1.24
CA THR B 106 -5.34 -14.11 -2.41
C THR B 106 -5.43 -12.62 -2.67
N SER B 107 -6.64 -12.07 -2.82
CA SER B 107 -6.86 -10.63 -2.83
C SER B 107 -8.34 -10.43 -2.54
N THR B 108 -8.67 -10.09 -1.29
CA THR B 108 -10.07 -10.11 -0.89
C THR B 108 -10.36 -9.07 0.18
N ALA B 109 -11.64 -8.91 0.49
CA ALA B 109 -12.09 -8.15 1.64
C ALA B 109 -13.46 -8.67 2.06
N TYR B 110 -13.73 -8.61 3.37
CA TYR B 110 -15.04 -8.95 3.92
C TYR B 110 -15.66 -7.71 4.55
N MET B 111 -16.98 -7.64 4.46
CA MET B 111 -17.78 -6.50 4.90
C MET B 111 -18.91 -6.99 5.78
N GLU B 112 -19.21 -6.25 6.85
CA GLU B 112 -20.30 -6.55 7.75
C GLU B 112 -20.91 -5.26 8.26
N LEU B 113 -22.17 -5.33 8.67
CA LEU B 113 -22.85 -4.18 9.25
C LEU B 113 -24.05 -4.68 10.04
N SER B 114 -24.23 -4.14 11.25
CA SER B 114 -25.25 -4.60 12.17
C SER B 114 -26.43 -3.63 12.18
N SER B 115 -27.41 -3.92 13.04
CA SER B 115 -28.59 -3.08 13.21
C SER B 115 -29.34 -2.91 11.89
N LEU B 116 -29.60 -4.04 11.22
CA LEU B 116 -30.34 -4.01 9.97
C LEU B 116 -31.71 -3.38 10.17
N THR B 117 -32.09 -2.49 9.26
CA THR B 117 -33.35 -1.77 9.33
C THR B 117 -34.16 -2.05 8.06
N SER B 118 -35.27 -1.32 7.92
CA SER B 118 -36.18 -1.52 6.79
C SER B 118 -35.67 -0.90 5.49
N GLU B 119 -34.67 -0.02 5.55
CA GLU B 119 -34.15 0.65 4.36
C GLU B 119 -32.65 0.43 4.23
N ASP B 120 -32.20 -0.77 4.61
CA ASP B 120 -30.84 -1.20 4.31
C ASP B 120 -30.77 -2.04 3.04
N THR B 121 -31.91 -2.40 2.45
CA THR B 121 -31.94 -3.12 1.20
C THR B 121 -31.30 -2.28 0.10
N ALA B 122 -30.22 -2.78 -0.51
CA ALA B 122 -29.52 -1.99 -1.51
C ALA B 122 -28.45 -2.85 -2.18
N VAL B 123 -27.86 -2.29 -3.23
CA VAL B 123 -26.71 -2.88 -3.90
C VAL B 123 -25.46 -2.34 -3.22
N TYR B 124 -24.61 -3.23 -2.74
CA TYR B 124 -23.38 -2.83 -2.05
C TYR B 124 -22.23 -2.98 -3.05
N TYR B 125 -21.76 -1.85 -3.57
CA TYR B 125 -20.77 -1.84 -4.64
C TYR B 125 -19.35 -1.70 -4.10
N CYS B 126 -18.43 -2.44 -4.73
CA CYS B 126 -17.01 -2.44 -4.35
C CYS B 126 -16.22 -1.66 -5.39
N ALA B 127 -15.37 -0.76 -4.93
CA ALA B 127 -14.38 -0.12 -5.79
C ALA B 127 -13.01 -0.36 -5.20
N ALA B 128 -11.99 -0.27 -6.06
CA ALA B 128 -10.62 -0.42 -5.63
C ALA B 128 -9.74 0.55 -6.40
N PHE B 129 -9.02 1.39 -5.66
CA PHE B 129 -8.02 2.26 -6.25
C PHE B 129 -6.71 1.49 -6.32
N PRO B 130 -6.28 1.02 -7.51
CA PRO B 130 -5.02 0.26 -7.58
C PRO B 130 -3.82 1.12 -7.23
N TYR B 131 -3.69 2.25 -7.91
CA TYR B 131 -2.59 3.18 -7.70
C TYR B 131 -2.91 4.14 -6.56
N TYR B 132 -3.29 3.59 -5.40
CA TYR B 132 -3.57 4.44 -4.25
C TYR B 132 -2.38 5.35 -3.93
N TYR B 133 -1.16 4.80 -4.00
CA TYR B 133 0.02 5.59 -3.68
C TYR B 133 0.27 6.70 -4.69
N ASP B 134 -0.43 6.67 -5.82
CA ASP B 134 -0.47 7.79 -6.75
C ASP B 134 -1.82 8.49 -6.63
N ASN B 135 -1.81 9.80 -6.88
CA ASN B 135 -3.03 10.60 -6.80
C ASN B 135 -3.90 10.38 -8.04
N SER B 136 -4.32 9.12 -8.20
CA SER B 136 -5.10 8.71 -9.35
C SER B 136 -6.15 7.70 -8.93
N GLY B 137 -7.19 7.58 -9.74
CA GLY B 137 -8.26 6.63 -9.50
C GLY B 137 -8.39 5.67 -10.66
N SER B 138 -8.58 4.39 -10.34
CA SER B 138 -8.72 3.35 -11.35
C SER B 138 -9.38 2.15 -10.68
N GLY B 139 -9.38 1.01 -11.37
CA GLY B 139 -9.89 -0.22 -10.81
C GLY B 139 -11.36 -0.42 -11.12
N PRO B 140 -11.70 -1.51 -11.82
CA PRO B 140 -13.12 -1.76 -12.10
C PRO B 140 -13.94 -1.99 -10.84
N TRP B 141 -15.25 -2.12 -11.00
CA TRP B 141 -16.18 -2.34 -9.90
C TRP B 141 -16.81 -3.72 -10.02
N GLY B 142 -17.20 -4.26 -8.87
CA GLY B 142 -17.79 -5.58 -8.83
C GLY B 142 -19.19 -5.59 -9.40
N GLN B 143 -19.81 -6.77 -9.34
CA GLN B 143 -21.14 -6.96 -9.91
C GLN B 143 -22.25 -6.51 -8.97
N GLY B 144 -21.92 -6.06 -7.76
CA GLY B 144 -22.92 -5.59 -6.83
C GLY B 144 -23.59 -6.72 -6.08
N THR B 145 -23.75 -6.55 -4.77
CA THR B 145 -24.43 -7.53 -3.93
C THR B 145 -25.77 -6.96 -3.52
N LEU B 146 -26.85 -7.69 -3.83
CA LEU B 146 -28.22 -7.28 -3.51
C LEU B 146 -28.53 -7.70 -2.08
N VAL B 147 -28.11 -6.87 -1.13
CA VAL B 147 -28.32 -7.15 0.28
C VAL B 147 -29.68 -6.54 0.65
N THR B 148 -30.69 -7.40 0.76
CA THR B 148 -32.05 -6.99 1.06
C THR B 148 -32.43 -7.42 2.48
N VAL B 149 -33.59 -6.95 2.93
CA VAL B 149 -34.12 -7.32 4.23
C VAL B 149 -35.49 -7.93 4.06
N CYS B 150 -35.90 -8.72 5.05
CA CYS B 150 -37.20 -9.38 5.02
C CYS B 150 -37.76 -9.54 6.43
N ASP C 31 -15.73 18.24 6.60
CA ASP C 31 -16.71 17.66 5.63
C ASP C 31 -16.67 18.43 4.31
N ILE C 32 -16.97 17.74 3.22
CA ILE C 32 -17.02 18.34 1.89
C ILE C 32 -18.37 18.04 1.27
N GLN C 33 -18.87 18.96 0.46
CA GLN C 33 -20.12 18.77 -0.25
C GLN C 33 -20.01 19.42 -1.63
N LEU C 34 -20.84 18.94 -2.55
CA LEU C 34 -20.83 19.44 -3.92
C LEU C 34 -22.23 19.32 -4.49
N THR C 35 -22.40 19.79 -5.72
CA THR C 35 -23.71 19.80 -6.37
C THR C 35 -23.53 19.73 -7.87
N GLN C 36 -24.46 19.03 -8.53
CA GLN C 36 -24.48 18.83 -9.97
C GLN C 36 -25.75 19.48 -10.50
N SER C 37 -25.60 20.58 -11.24
CA SER C 37 -26.74 21.43 -11.56
C SER C 37 -27.61 20.90 -12.69
N PRO C 38 -27.05 20.40 -13.82
CA PRO C 38 -27.91 20.05 -14.95
C PRO C 38 -29.05 19.12 -14.57
N SER C 39 -28.71 17.93 -14.06
CA SER C 39 -29.68 16.99 -13.51
C SER C 39 -30.59 16.39 -14.58
N SER C 40 -30.49 16.85 -15.83
CA SER C 40 -31.26 16.27 -16.91
C SER C 40 -30.85 16.91 -18.23
N LEU C 41 -30.76 16.11 -19.28
CA LEU C 41 -30.44 16.59 -20.62
C LEU C 41 -31.46 16.06 -21.61
N SER C 42 -31.67 16.82 -22.69
CA SER C 42 -32.57 16.43 -23.76
C SER C 42 -31.96 16.91 -25.08
N ALA C 43 -31.22 16.02 -25.74
CA ALA C 43 -30.60 16.33 -27.02
C ALA C 43 -30.36 15.03 -27.77
N SER C 44 -30.18 15.15 -29.09
CA SER C 44 -30.11 13.99 -29.96
C SER C 44 -28.71 13.76 -30.52
N VAL C 45 -28.13 14.74 -31.21
CA VAL C 45 -26.88 14.55 -31.93
C VAL C 45 -26.09 15.85 -31.94
N GLY C 46 -24.76 15.72 -31.95
CA GLY C 46 -23.87 16.82 -32.24
C GLY C 46 -23.55 17.73 -31.07
N ASP C 47 -24.57 18.10 -30.29
CA ASP C 47 -24.39 19.10 -29.26
C ASP C 47 -23.27 18.70 -28.30
N ARG C 48 -22.41 19.66 -27.99
CA ARG C 48 -21.33 19.48 -27.02
C ARG C 48 -21.95 19.51 -25.62
N VAL C 49 -22.67 18.44 -25.28
CA VAL C 49 -23.42 18.44 -24.03
C VAL C 49 -22.46 18.50 -22.86
N THR C 50 -22.78 19.35 -21.88
CA THR C 50 -21.93 19.61 -20.74
C THR C 50 -22.65 19.29 -19.44
N ILE C 51 -21.90 18.76 -18.48
CA ILE C 51 -22.38 18.53 -17.13
C ILE C 51 -21.49 19.34 -16.19
N THR C 52 -22.07 20.34 -15.53
CA THR C 52 -21.31 21.24 -14.67
C THR C 52 -21.63 20.92 -13.21
N CYS C 53 -20.61 20.58 -12.43
CA CYS C 53 -20.79 20.42 -10.99
C CYS C 53 -19.70 21.18 -10.24
N GLN C 54 -20.08 21.66 -9.05
CA GLN C 54 -19.27 22.55 -8.23
C GLN C 54 -19.19 22.01 -6.82
N ALA C 55 -18.00 22.07 -6.23
CA ALA C 55 -17.74 21.52 -4.91
C ALA C 55 -17.53 22.65 -3.90
N SER C 56 -17.76 22.32 -2.63
CA SER C 56 -17.56 23.30 -1.57
C SER C 56 -16.09 23.67 -1.40
N GLN C 57 -15.19 22.74 -1.72
CA GLN C 57 -13.75 22.99 -1.63
C GLN C 57 -13.12 22.86 -3.01
N ASP C 58 -12.09 23.67 -3.23
CA ASP C 58 -11.39 23.69 -4.52
C ASP C 58 -10.34 22.58 -4.54
N ILE C 59 -10.82 21.34 -4.73
CA ILE C 59 -9.93 20.21 -4.85
C ILE C 59 -8.92 20.48 -5.96
N ARG C 60 -7.65 20.17 -5.68
CA ARG C 60 -6.60 20.49 -6.63
C ARG C 60 -6.85 19.79 -7.97
N ASN C 61 -6.70 18.47 -8.00
CA ASN C 61 -7.07 17.70 -9.18
C ASN C 61 -7.69 16.35 -8.84
N ASN C 62 -7.91 16.02 -7.58
CA ASN C 62 -8.34 14.68 -7.19
C ASN C 62 -9.85 14.53 -7.36
N LEU C 63 -10.34 14.76 -8.58
CA LEU C 63 -11.77 14.68 -8.87
C LEU C 63 -11.95 13.89 -10.15
N ASN C 64 -12.95 13.00 -10.17
CA ASN C 64 -13.16 12.13 -11.32
C ASN C 64 -14.66 12.08 -11.64
N TRP C 65 -15.02 11.22 -12.59
CA TRP C 65 -16.41 11.04 -13.02
C TRP C 65 -16.67 9.55 -13.25
N TYR C 66 -17.93 9.16 -13.01
CA TYR C 66 -18.36 7.77 -13.09
C TYR C 66 -19.55 7.64 -14.03
N GLN C 67 -19.59 6.53 -14.75
CA GLN C 67 -20.70 6.13 -15.59
C GLN C 67 -21.55 5.10 -14.85
N GLN C 68 -22.83 5.02 -15.21
CA GLN C 68 -23.70 3.96 -14.69
C GLN C 68 -24.79 3.68 -15.72
N ILE C 69 -24.77 2.48 -16.29
CA ILE C 69 -25.84 2.03 -17.18
C ILE C 69 -27.07 1.72 -16.33
N PRO C 70 -28.28 1.92 -16.84
CA PRO C 70 -29.48 1.62 -16.02
C PRO C 70 -29.55 0.19 -15.51
N GLY C 71 -28.72 -0.72 -15.99
CA GLY C 71 -28.82 -2.11 -15.58
C GLY C 71 -27.50 -2.78 -15.22
N LYS C 72 -26.38 -2.10 -15.44
CA LYS C 72 -25.06 -2.66 -15.16
C LYS C 72 -24.46 -1.95 -13.95
N ALA C 73 -23.20 -2.31 -13.63
CA ALA C 73 -22.47 -1.70 -12.53
C ALA C 73 -21.71 -0.46 -13.01
N PRO C 74 -21.52 0.54 -12.16
CA PRO C 74 -20.78 1.73 -12.59
C PRO C 74 -19.33 1.40 -12.90
N LYS C 75 -18.76 2.14 -13.84
CA LYS C 75 -17.35 2.04 -14.20
C LYS C 75 -16.77 3.44 -14.34
N LEU C 76 -15.54 3.52 -14.80
CA LEU C 76 -14.80 4.77 -14.86
C LEU C 76 -14.78 5.30 -16.29
N LEU C 77 -14.95 6.62 -16.42
CA LEU C 77 -14.81 7.32 -17.69
C LEU C 77 -13.58 8.22 -17.72
N ILE C 78 -13.46 9.13 -16.77
CA ILE C 78 -12.32 10.03 -16.66
C ILE C 78 -11.90 10.11 -15.20
N TYR C 79 -10.59 10.08 -14.97
CA TYR C 79 -10.04 10.20 -13.64
C TYR C 79 -9.07 11.38 -13.61
N ASP C 80 -8.88 11.92 -12.40
CA ASP C 80 -7.96 13.04 -12.19
C ASP C 80 -8.32 14.21 -13.10
N ALA C 81 -9.58 14.60 -13.10
CA ALA C 81 -10.05 15.78 -13.81
C ALA C 81 -9.72 15.69 -15.31
N SER C 82 -10.39 14.73 -15.94
CA SER C 82 -10.37 14.55 -17.39
C SER C 82 -9.13 13.86 -17.91
N ASN C 83 -8.34 13.21 -17.04
CA ASN C 83 -7.23 12.38 -17.50
C ASN C 83 -7.79 11.02 -17.88
N LEU C 84 -7.81 10.73 -19.18
CA LEU C 84 -8.53 9.57 -19.68
C LEU C 84 -7.84 8.27 -19.22
N GLU C 85 -8.58 7.17 -19.33
CA GLU C 85 -8.15 5.87 -18.84
C GLU C 85 -8.27 4.84 -19.96
N THR C 86 -7.48 3.77 -19.86
CA THR C 86 -7.44 2.75 -20.90
C THR C 86 -8.82 2.16 -21.14
N GLY C 87 -9.29 2.25 -22.39
CA GLY C 87 -10.60 1.76 -22.75
C GLY C 87 -11.69 2.81 -22.89
N VAL C 88 -11.36 4.08 -22.72
CA VAL C 88 -12.33 5.16 -22.82
C VAL C 88 -12.71 5.39 -24.28
N PRO C 89 -13.93 5.82 -24.59
CA PRO C 89 -14.26 6.27 -25.94
C PRO C 89 -13.75 7.68 -26.19
N SER C 90 -13.81 8.08 -27.47
CA SER C 90 -13.28 9.38 -27.87
C SER C 90 -14.18 10.53 -27.45
N ARG C 91 -15.50 10.38 -27.60
CA ARG C 91 -16.42 11.49 -27.35
C ARG C 91 -16.41 11.97 -25.91
N PHE C 92 -15.90 11.17 -24.98
CA PHE C 92 -15.89 11.52 -23.57
C PHE C 92 -14.71 12.44 -23.28
N SER C 93 -14.96 13.55 -22.57
CA SER C 93 -13.88 14.46 -22.20
C SER C 93 -14.35 15.30 -21.02
N GLY C 94 -13.47 16.20 -20.57
CA GLY C 94 -13.83 17.06 -19.46
C GLY C 94 -12.93 18.28 -19.43
N SER C 95 -13.26 19.19 -18.51
CA SER C 95 -12.51 20.42 -18.36
C SER C 95 -12.72 20.96 -16.95
N ALA C 96 -11.84 21.87 -16.55
CA ALA C 96 -11.81 22.43 -15.21
C ALA C 96 -11.78 23.94 -15.27
N SER C 97 -12.39 24.58 -14.26
CA SER C 97 -12.30 26.03 -14.11
C SER C 97 -12.47 26.33 -12.62
N GLY C 98 -11.35 26.54 -11.93
CA GLY C 98 -11.43 26.73 -10.50
C GLY C 98 -12.08 25.53 -9.84
N THR C 99 -13.08 25.81 -8.99
CA THR C 99 -13.82 24.73 -8.34
C THR C 99 -14.91 24.15 -9.23
N ASP C 100 -15.26 24.82 -10.32
CA ASP C 100 -16.27 24.31 -11.24
C ASP C 100 -15.65 23.28 -12.18
N PHE C 101 -16.41 22.24 -12.50
CA PHE C 101 -15.87 21.14 -13.28
C PHE C 101 -16.91 20.64 -14.27
N THR C 102 -16.50 20.54 -15.54
CA THR C 102 -17.39 20.26 -16.64
C THR C 102 -17.03 18.92 -17.25
N PHE C 103 -18.06 18.15 -17.60
CA PHE C 103 -17.91 16.85 -18.27
C PHE C 103 -18.58 16.98 -19.63
N THR C 104 -17.81 16.80 -20.69
CA THR C 104 -18.21 17.18 -22.04
C THR C 104 -18.32 15.96 -22.95
N ILE C 105 -19.37 15.96 -23.76
CA ILE C 105 -19.51 15.04 -24.87
C ILE C 105 -19.66 15.88 -26.14
N SER C 106 -18.62 15.88 -26.97
CA SER C 106 -18.62 16.64 -28.21
C SER C 106 -19.21 15.89 -29.38
N SER C 107 -19.53 14.60 -29.21
CA SER C 107 -20.13 13.77 -30.25
C SER C 107 -21.30 13.01 -29.67
N LEU C 108 -22.18 13.71 -28.95
CA LEU C 108 -23.35 13.09 -28.35
C LEU C 108 -24.11 12.29 -29.39
N GLN C 109 -24.45 11.05 -29.04
CA GLN C 109 -25.17 10.16 -29.94
C GLN C 109 -26.37 9.55 -29.23
N PRO C 110 -27.38 9.11 -29.98
CA PRO C 110 -28.60 8.59 -29.35
C PRO C 110 -28.40 7.33 -28.54
N GLU C 111 -27.30 6.61 -28.70
CA GLU C 111 -27.09 5.32 -28.04
C GLU C 111 -26.34 5.41 -26.73
N ASP C 112 -25.47 6.40 -26.55
CA ASP C 112 -24.74 6.59 -25.30
C ASP C 112 -25.66 7.26 -24.29
N VAL C 113 -26.66 6.50 -23.84
CA VAL C 113 -27.65 6.96 -22.87
C VAL C 113 -27.46 6.18 -21.59
N ALA C 114 -27.23 6.89 -20.50
CA ALA C 114 -26.98 6.30 -19.19
C ALA C 114 -27.05 7.44 -18.17
N THR C 115 -26.66 7.16 -16.93
CA THR C 115 -26.58 8.20 -15.92
C THR C 115 -25.13 8.42 -15.52
N TYR C 116 -24.81 9.68 -15.22
CA TYR C 116 -23.46 10.11 -14.91
C TYR C 116 -23.38 10.58 -13.46
N TYR C 117 -22.15 10.61 -12.95
CA TYR C 117 -21.88 11.15 -11.62
C TYR C 117 -20.51 11.81 -11.65
N CYS C 118 -20.36 12.93 -10.94
CA CYS C 118 -19.04 13.49 -10.70
C CYS C 118 -18.63 13.22 -9.25
N GLN C 119 -17.46 12.62 -9.09
CA GLN C 119 -17.02 12.01 -7.84
C GLN C 119 -15.85 12.79 -7.27
N GLN C 120 -15.89 12.97 -5.95
CA GLN C 120 -14.93 13.80 -5.25
C GLN C 120 -14.18 13.00 -4.19
N TYR C 121 -12.93 13.38 -4.00
CA TYR C 121 -12.06 12.80 -2.98
C TYR C 121 -10.82 13.67 -2.84
N ALA C 122 -10.57 14.20 -1.64
CA ALA C 122 -9.41 15.05 -1.43
C ALA C 122 -8.94 14.89 0.02
N ASN C 123 -8.02 13.95 0.23
CA ASN C 123 -7.24 13.90 1.46
C ASN C 123 -8.08 13.68 2.72
N LEU C 124 -9.39 13.50 2.57
CA LEU C 124 -10.26 13.23 3.70
C LEU C 124 -11.15 12.04 3.37
N PRO C 125 -11.51 11.23 4.36
CA PRO C 125 -12.24 10.00 4.08
C PRO C 125 -13.62 10.22 3.47
N PRO C 126 -14.39 11.26 3.88
CA PRO C 126 -15.77 11.34 3.34
C PRO C 126 -15.77 11.68 1.86
N PHE C 127 -16.09 10.70 1.02
CA PHE C 127 -16.21 10.93 -0.43
C PHE C 127 -17.69 11.02 -0.77
N THR C 128 -18.31 12.12 -0.36
CA THR C 128 -19.72 12.32 -0.65
C THR C 128 -19.94 12.39 -2.15
N PHE C 129 -21.10 11.90 -2.58
CA PHE C 129 -21.41 11.76 -3.99
C PHE C 129 -22.33 12.88 -4.44
N GLY C 130 -22.20 13.26 -5.71
CA GLY C 130 -23.09 14.23 -6.30
C GLY C 130 -24.45 13.64 -6.56
N PRO C 131 -25.43 14.47 -6.92
CA PRO C 131 -26.77 13.97 -7.20
C PRO C 131 -26.89 13.25 -8.55
N GLY C 132 -25.82 13.21 -9.34
CA GLY C 132 -25.86 12.51 -10.61
C GLY C 132 -26.65 13.26 -11.66
N THR C 133 -26.86 12.57 -12.78
CA THR C 133 -27.64 13.13 -13.89
C THR C 133 -27.98 12.02 -14.85
N LYS C 134 -29.26 11.93 -15.24
CA LYS C 134 -29.71 10.98 -16.25
C LYS C 134 -29.85 11.75 -17.56
N VAL C 135 -28.86 11.60 -18.44
CA VAL C 135 -28.91 12.24 -19.75
C VAL C 135 -29.88 11.45 -20.63
N ASP C 136 -30.79 12.18 -21.28
CA ASP C 136 -31.86 11.58 -22.07
C ASP C 136 -31.96 12.34 -23.38
N ILE C 137 -32.57 11.71 -24.39
CA ILE C 137 -32.72 12.34 -25.69
C ILE C 137 -33.61 13.57 -25.56
C1 NAG D . 24.14 -22.11 12.56
C2 NAG D . 25.41 -22.72 13.17
C3 NAG D . 26.16 -23.57 12.15
C4 NAG D . 25.22 -24.61 11.56
C5 NAG D . 23.98 -23.93 10.98
C6 NAG D . 22.96 -24.91 10.45
C7 NAG D . 26.89 -20.70 13.12
C8 NAG D . 26.66 -20.57 11.64
N2 NAG D . 26.29 -21.71 13.76
O3 NAG D . 27.26 -24.22 12.77
O4 NAG D . 25.88 -25.36 10.54
O5 NAG D . 23.34 -23.15 11.99
O6 NAG D . 23.58 -26.05 9.89
O7 NAG D . 27.61 -19.90 13.72
H2 NAG D . 25.13 -23.32 13.89
H3 NAG D . 26.49 -23.04 11.41
H4 NAG D . 24.94 -25.23 12.27
H5 NAG D . 24.27 -23.33 10.26
H61 NAG D . 22.43 -24.46 9.77
H62 NAG D . 22.38 -25.18 11.18
H81 NAG D . 26.88 -19.65 11.38
H82 NAG D . 25.73 -20.75 11.40
H83 NAG D . 27.26 -21.17 11.16
HN2 NAG D . 26.44 -21.78 14.66
HO3 NAG D . 26.97 -24.84 13.33
HO6 NAG D . 24.30 -25.80 9.43
C1 NAG D . 26.41 -26.55 11.13
C2 NAG D . 26.97 -27.45 10.03
C3 NAG D . 27.59 -28.71 10.63
C4 NAG D . 28.62 -28.33 11.69
C5 NAG D . 28.01 -27.39 12.72
C6 NAG D . 29.01 -26.88 13.73
C7 NAG D . 25.76 -27.15 7.92
C8 NAG D . 24.64 -27.64 7.05
N2 NAG D . 25.93 -27.80 9.07
O3 NAG D . 28.21 -29.47 9.60
O4 NAG D . 29.09 -29.50 12.34
O5 NAG D . 27.45 -26.24 12.07
O6 NAG D . 30.11 -26.26 13.09
O7 NAG D . 26.46 -26.19 7.59
H2 NAG D . 27.67 -26.96 9.56
H3 NAG D . 26.89 -29.24 11.05
H4 NAG D . 29.37 -27.88 11.26
H5 NAG D . 27.29 -27.87 13.19
H61 NAG D . 29.33 -27.63 14.26
H62 NAG D . 28.57 -26.24 14.32
H81 NAG D . 24.58 -27.09 6.25
H82 NAG D . 23.79 -27.60 7.54
H83 NAG D . 24.82 -28.56 6.78
HN2 NAG D . 25.38 -28.51 9.26
HO3 NAG D . 28.44 -30.26 9.93
HO4 NAG D . 29.91 -29.35 12.67
HO6 NAG D . 29.86 -25.97 12.29
#